data_6LI7
#
_entry.id   6LI7
#
_cell.length_a   152.273
_cell.length_b   152.273
_cell.length_c   145.975
_cell.angle_alpha   90.000
_cell.angle_beta   90.000
_cell.angle_gamma   120.000
#
_symmetry.space_group_name_H-M   'P 61 2 2'
#
loop_
_entity.id
_entity.type
_entity.pdbx_description
1 polymer Lectin
2 branched 2-acetamido-2-deoxy-beta-D-glucopyranose-(1-4)-2-acetamido-2-deoxy-beta-D-glucopyranose
3 non-polymer 'CALCIUM ION'
4 non-polymer GLYCEROL
5 non-polymer 2-acetamido-2-deoxy-beta-D-galactopyranose
6 water water
#
_entity_poly.entity_id   1
_entity_poly.type   'polypeptide(L)'
_entity_poly.pdbx_seq_one_letter_code
;MVLLVIGLPLVSLVVALVAAAAPDSQVCDVDSTATCKITATPSQFQPALLNASKWIWTGENPIPGGSNIISTRPFRKNIT
APCGKCSVCATIVVASDDAHTFYVNGVRIGTGAGFRQGQALFVALQPTWNLFAIAGQNLVANSPAGIMASILVHFSDGTS
ETFVTDESWKTLRAAPPENFQLPSTNDSNWPSAAVQGAYQNSVWGPPVLPPVLPLRGSNWIWTSDNVNGAAPVGSRAFRK
TVNQCTKVAVCATVLIAADDRYTLYVNGATVGSGSSYTVADAYTIPNLHPTFNTFAINATNGGGPAGVIATILITYSDGS
NETVVTDASWKAIQTIPQGFQPPLIDEFGWESAKIIGAFGVAPWGAGMVIPSA
;
_entity_poly.pdbx_strand_id   A
#
# COMPACT_ATOMS: atom_id res chain seq x y z
N LYS A 37 5.36 5.82 21.10
CA LYS A 37 4.06 5.38 21.67
C LYS A 37 2.84 5.62 20.78
N ILE A 38 2.15 4.56 20.38
CA ILE A 38 1.17 4.63 19.27
C ILE A 38 -0.24 4.62 19.85
N THR A 39 -0.93 5.75 19.77
CA THR A 39 -2.35 5.89 20.18
C THR A 39 -3.25 5.83 18.94
N ALA A 40 -2.72 5.92 17.72
CA ALA A 40 -3.53 5.68 16.50
C ALA A 40 -4.18 4.29 16.58
N THR A 41 -5.44 4.16 16.22
CA THR A 41 -6.15 2.84 16.14
C THR A 41 -6.62 2.54 14.71
N PRO A 42 -7.13 1.34 14.39
CA PRO A 42 -7.52 1.02 13.01
C PRO A 42 -8.53 2.05 12.51
N SER A 43 -8.45 2.39 11.22
CA SER A 43 -9.32 3.39 10.59
C SER A 43 -9.58 3.05 9.12
N GLN A 44 -10.58 3.68 8.56
CA GLN A 44 -10.75 3.68 7.10
C GLN A 44 -9.46 4.15 6.44
N PHE A 45 -9.02 3.50 5.37
CA PHE A 45 -7.77 3.85 4.64
C PHE A 45 -7.87 5.29 4.14
N GLN A 46 -6.86 6.10 4.32
CA GLN A 46 -6.81 7.51 3.82
C GLN A 46 -5.92 7.54 2.56
N PRO A 47 -6.47 7.83 1.36
CA PRO A 47 -5.66 7.83 0.13
C PRO A 47 -4.58 8.92 0.12
N ALA A 48 -3.36 8.59 -0.29
CA ALA A 48 -2.36 9.56 -0.76
C ALA A 48 -2.80 10.10 -2.13
N LEU A 49 -2.81 11.41 -2.27
CA LEU A 49 -3.19 12.10 -3.54
C LEU A 49 -1.96 12.78 -4.11
N LEU A 50 -1.96 12.96 -5.42
CA LEU A 50 -0.91 13.64 -6.19
C LEU A 50 -1.23 15.13 -6.39
N ASN A 51 -2.40 15.60 -5.97
CA ASN A 51 -2.92 16.98 -6.21
C ASN A 51 -1.92 18.08 -5.86
N ALA A 52 -1.15 17.97 -4.77
CA ALA A 52 -0.21 19.02 -4.29
C ALA A 52 1.19 18.72 -4.81
N SER A 53 1.37 17.64 -5.55
CA SER A 53 2.74 17.20 -5.87
C SER A 53 3.29 17.89 -7.15
N LYS A 54 4.61 17.91 -7.32
CA LYS A 54 5.25 18.46 -8.53
C LYS A 54 6.08 17.40 -9.23
N TRP A 55 6.17 17.48 -10.55
CA TRP A 55 7.16 16.77 -11.39
C TRP A 55 8.52 17.44 -11.20
N ILE A 56 9.56 16.65 -10.97
CA ILE A 56 10.93 17.18 -10.87
C ILE A 56 11.86 16.44 -11.83
N TRP A 57 12.92 17.17 -12.25
CA TRP A 57 14.06 16.57 -12.95
C TRP A 57 15.26 17.45 -12.61
N THR A 58 16.30 17.48 -13.44
CA THR A 58 17.59 18.14 -13.14
C THR A 58 17.63 19.59 -13.58
N GLY A 59 16.85 19.98 -14.58
CA GLY A 59 16.93 21.31 -15.22
C GLY A 59 18.11 21.38 -16.17
N GLU A 60 18.70 20.25 -16.57
CA GLU A 60 19.69 20.25 -17.67
C GLU A 60 19.06 20.96 -18.87
N ASN A 61 17.77 20.81 -19.10
CA ASN A 61 17.03 21.63 -20.08
C ASN A 61 16.27 22.63 -19.21
N PRO A 62 16.53 23.96 -19.29
CA PRO A 62 15.81 24.91 -18.44
C PRO A 62 14.33 25.04 -18.82
N ILE A 63 13.89 24.45 -19.92
CA ILE A 63 12.45 24.45 -20.28
C ILE A 63 11.77 23.31 -19.54
N PRO A 64 10.80 23.58 -18.65
CA PRO A 64 10.10 22.48 -17.96
C PRO A 64 9.25 21.69 -18.95
N GLY A 65 9.33 20.34 -18.89
CA GLY A 65 8.63 19.51 -19.87
C GLY A 65 9.33 19.52 -21.23
N GLY A 66 10.53 20.09 -21.30
CA GLY A 66 11.32 20.17 -22.53
C GLY A 66 12.01 18.84 -22.85
N SER A 67 12.72 18.77 -23.99
CA SER A 67 13.49 17.55 -24.36
C SER A 67 14.71 17.38 -23.47
N ASN A 68 14.93 16.15 -23.07
CA ASN A 68 16.01 15.69 -22.21
C ASN A 68 16.66 14.50 -22.91
N ILE A 69 17.93 14.31 -22.63
CA ILE A 69 18.73 13.16 -23.14
C ILE A 69 18.32 11.90 -22.38
N ILE A 70 18.65 10.76 -22.95
CA ILE A 70 18.59 9.45 -22.26
C ILE A 70 19.57 9.53 -21.11
N SER A 71 19.15 9.26 -19.90
CA SER A 71 19.95 9.50 -18.70
C SER A 71 19.27 8.89 -17.48
N THR A 72 20.06 8.66 -16.43
CA THR A 72 19.58 8.31 -15.08
C THR A 72 20.00 9.43 -14.15
N ARG A 73 19.12 9.88 -13.26
CA ARG A 73 19.40 10.99 -12.36
C ARG A 73 18.87 10.65 -10.98
N PRO A 74 19.62 11.08 -9.94
CA PRO A 74 19.23 10.88 -8.56
C PRO A 74 18.40 12.03 -8.00
N PHE A 75 17.55 11.71 -7.03
CA PHE A 75 16.76 12.67 -6.25
C PHE A 75 16.71 12.19 -4.82
N ARG A 76 16.87 13.08 -3.85
CA ARG A 76 16.88 12.77 -2.41
C ARG A 76 16.16 13.87 -1.66
N LYS A 77 15.50 13.50 -0.59
CA LYS A 77 14.89 14.44 0.35
C LYS A 77 14.94 13.78 1.71
N ASN A 78 15.53 14.47 2.65
CA ASN A 78 15.53 14.08 4.08
C ASN A 78 14.30 14.71 4.67
N ILE A 79 13.32 13.96 5.17
CA ILE A 79 12.10 14.55 5.75
C ILE A 79 12.09 14.28 7.26
N THR A 80 11.85 15.30 8.09
CA THR A 80 11.86 15.18 9.57
C THR A 80 10.43 15.22 10.09
N ALA A 81 10.13 14.48 11.17
CA ALA A 81 8.81 14.48 11.82
C ALA A 81 8.61 15.84 12.49
N PRO A 82 7.43 16.50 12.40
CA PRO A 82 7.10 17.60 13.31
C PRO A 82 7.35 17.30 14.79
N CYS A 83 7.34 18.39 15.57
CA CYS A 83 7.62 18.49 17.02
C CYS A 83 6.80 17.46 17.80
N GLY A 84 7.43 16.62 18.61
CA GLY A 84 6.76 15.66 19.53
C GLY A 84 5.76 14.74 18.83
N LYS A 85 5.97 14.44 17.54
CA LYS A 85 5.24 13.37 16.79
C LYS A 85 6.31 12.36 16.37
N CYS A 86 5.99 11.06 16.35
CA CYS A 86 6.78 10.00 15.69
C CYS A 86 6.08 9.59 14.39
N SER A 87 6.86 9.50 13.34
CA SER A 87 6.43 8.84 12.10
C SER A 87 6.53 7.31 12.28
N VAL A 88 5.54 6.62 11.78
CA VAL A 88 5.33 5.16 11.94
C VAL A 88 5.46 4.51 10.57
N CYS A 89 4.63 4.93 9.61
CA CYS A 89 4.72 4.36 8.24
C CYS A 89 4.16 5.36 7.21
N ALA A 90 4.23 5.00 5.94
CA ALA A 90 3.81 5.86 4.81
C ALA A 90 3.14 5.05 3.73
N THR A 91 2.12 5.68 3.16
CA THR A 91 1.54 5.36 1.83
C THR A 91 2.20 6.25 0.78
N ILE A 92 2.76 5.66 -0.24
CA ILE A 92 3.48 6.37 -1.31
C ILE A 92 2.77 6.16 -2.66
N VAL A 93 2.57 7.25 -3.42
CA VAL A 93 2.24 7.12 -4.85
C VAL A 93 3.32 7.82 -5.67
N VAL A 94 3.88 7.12 -6.64
CA VAL A 94 5.02 7.61 -7.45
C VAL A 94 4.68 7.36 -8.94
N ALA A 95 5.03 8.29 -9.78
CA ALA A 95 4.86 8.24 -11.25
C ALA A 95 6.12 8.80 -11.88
N SER A 96 6.42 8.34 -13.08
CA SER A 96 7.72 8.65 -13.71
C SER A 96 7.59 8.69 -15.22
N ASP A 97 8.30 9.61 -15.80
CA ASP A 97 8.60 9.62 -17.23
C ASP A 97 10.13 9.51 -17.28
N ASP A 98 10.69 8.30 -17.57
CA ASP A 98 10.01 7.10 -18.01
C ASP A 98 9.99 6.02 -16.92
N ALA A 99 10.94 6.01 -15.99
CA ALA A 99 11.01 4.89 -15.03
C ALA A 99 11.67 5.35 -13.72
N HIS A 100 11.45 4.61 -12.64
CA HIS A 100 11.96 4.97 -11.29
C HIS A 100 12.35 3.72 -10.49
N THR A 101 13.29 3.93 -9.58
CA THR A 101 13.52 3.02 -8.43
C THR A 101 13.40 3.88 -7.20
N PHE A 102 12.62 3.41 -6.23
CA PHE A 102 12.30 4.14 -4.98
C PHE A 102 13.01 3.50 -3.77
N TYR A 103 13.72 4.31 -2.99
CA TYR A 103 14.46 3.91 -1.78
C TYR A 103 13.98 4.70 -0.59
N VAL A 104 13.90 4.02 0.56
CA VAL A 104 13.65 4.65 1.86
C VAL A 104 14.76 4.23 2.84
N ASN A 105 15.49 5.20 3.37
CA ASN A 105 16.58 5.00 4.37
C ASN A 105 17.54 3.96 3.81
N GLY A 106 17.76 3.98 2.51
CA GLY A 106 18.76 3.16 1.82
C GLY A 106 18.23 1.86 1.31
N VAL A 107 16.97 1.49 1.59
CA VAL A 107 16.34 0.19 1.17
C VAL A 107 15.50 0.40 -0.09
N ARG A 108 15.69 -0.41 -1.14
CA ARG A 108 14.87 -0.46 -2.37
C ARG A 108 13.48 -0.95 -1.98
N ILE A 109 12.44 -0.15 -2.18
CA ILE A 109 11.01 -0.38 -1.81
C ILE A 109 10.30 -0.82 -3.08
N GLY A 110 10.73 -0.36 -4.26
CA GLY A 110 10.03 -0.68 -5.52
C GLY A 110 10.65 -0.04 -6.75
N THR A 111 10.26 -0.59 -7.89
CA THR A 111 10.68 -0.20 -9.24
C THR A 111 9.38 -0.06 -10.03
N GLY A 112 9.30 0.91 -10.93
CA GLY A 112 8.08 1.13 -11.73
C GLY A 112 8.40 1.98 -12.94
N ALA A 113 7.37 2.43 -13.66
CA ALA A 113 7.51 3.16 -14.93
C ALA A 113 6.16 3.75 -15.26
N GLY A 114 6.13 4.97 -15.78
CA GLY A 114 4.91 5.44 -16.47
C GLY A 114 4.26 6.57 -15.72
N PHE A 115 3.62 7.46 -16.47
CA PHE A 115 3.11 8.75 -15.95
C PHE A 115 1.58 8.80 -16.03
N ARG A 116 0.96 7.85 -16.70
CA ARG A 116 -0.50 7.84 -16.86
C ARG A 116 -1.16 7.30 -15.60
N GLN A 117 -0.51 6.40 -14.90
CA GLN A 117 -1.05 5.82 -13.65
C GLN A 117 0.11 5.70 -12.64
N GLY A 118 -0.14 6.13 -11.41
CA GLY A 118 0.87 6.05 -10.34
C GLY A 118 1.04 4.60 -9.87
N GLN A 119 2.12 4.38 -9.16
CA GLN A 119 2.43 3.09 -8.47
C GLN A 119 2.30 3.31 -6.96
N ALA A 120 1.55 2.46 -6.27
CA ALA A 120 1.37 2.43 -4.81
C ALA A 120 2.52 1.66 -4.15
N LEU A 121 3.10 2.21 -3.11
CA LEU A 121 4.15 1.52 -2.29
C LEU A 121 3.83 1.81 -0.82
N PHE A 122 4.17 0.88 0.07
CA PHE A 122 3.94 1.00 1.53
C PHE A 122 5.24 0.71 2.26
N VAL A 123 5.55 1.48 3.30
CA VAL A 123 6.88 1.33 3.97
C VAL A 123 6.78 1.78 5.42
N ALA A 124 7.44 1.02 6.31
CA ALA A 124 7.69 1.45 7.72
C ALA A 124 8.75 2.57 7.71
N LEU A 125 8.68 3.47 8.65
CA LEU A 125 9.58 4.64 8.76
C LEU A 125 10.36 4.61 10.11
N GLN A 126 11.51 5.26 10.14
CA GLN A 126 12.20 5.73 11.38
C GLN A 126 11.39 6.84 12.03
N PRO A 127 11.45 6.97 13.36
CA PRO A 127 10.53 7.83 14.08
C PRO A 127 10.70 9.35 13.88
N THR A 128 11.91 9.86 13.60
CA THR A 128 12.17 11.33 13.57
C THR A 128 12.62 11.82 12.19
N TRP A 129 13.43 11.11 11.45
CA TRP A 129 13.73 11.53 10.07
C TRP A 129 13.77 10.31 9.16
N ASN A 130 13.56 10.55 7.87
CA ASN A 130 13.53 9.52 6.80
C ASN A 130 14.14 10.10 5.54
N LEU A 131 15.12 9.41 4.98
CA LEU A 131 15.70 9.75 3.69
C LEU A 131 14.94 9.00 2.59
N PHE A 132 14.23 9.74 1.75
CA PHE A 132 13.62 9.26 0.47
C PHE A 132 14.61 9.53 -0.65
N ALA A 133 14.83 8.51 -1.48
CA ALA A 133 15.74 8.65 -2.63
C ALA A 133 15.08 7.96 -3.82
N ILE A 134 15.23 8.55 -4.99
CA ILE A 134 14.63 8.00 -6.22
C ILE A 134 15.68 8.12 -7.30
N ALA A 135 15.87 7.06 -8.06
CA ALA A 135 16.63 7.09 -9.32
C ALA A 135 15.60 7.15 -10.43
N GLY A 136 15.60 8.24 -11.23
CA GLY A 136 14.68 8.38 -12.38
C GLY A 136 15.45 8.13 -13.65
N GLN A 137 14.80 7.64 -14.68
CA GLN A 137 15.46 7.37 -15.97
C GLN A 137 14.60 7.94 -17.07
N ASN A 138 15.22 8.71 -17.93
CA ASN A 138 14.62 9.08 -19.23
C ASN A 138 15.12 8.06 -20.26
N LEU A 139 14.19 7.41 -20.95
CA LEU A 139 14.53 6.26 -21.81
C LEU A 139 14.31 6.60 -23.27
N VAL A 140 13.73 7.76 -23.62
CA VAL A 140 13.54 8.14 -25.05
C VAL A 140 14.27 9.46 -25.28
N ALA A 141 15.11 9.50 -26.31
CA ALA A 141 15.92 10.70 -26.67
C ALA A 141 14.98 11.85 -27.07
N ASN A 142 15.35 13.08 -26.73
CA ASN A 142 14.60 14.31 -27.06
C ASN A 142 13.20 14.32 -26.42
N SER A 143 12.98 13.60 -25.31
CA SER A 143 11.63 13.47 -24.72
C SER A 143 11.66 14.10 -23.35
N PRO A 144 10.49 14.49 -22.82
CA PRO A 144 10.44 15.01 -21.46
C PRO A 144 10.91 13.97 -20.44
N ALA A 145 11.27 14.43 -19.25
CA ALA A 145 11.67 13.57 -18.11
C ALA A 145 11.14 14.17 -16.80
N GLY A 146 10.69 13.30 -15.90
CA GLY A 146 10.22 13.75 -14.59
C GLY A 146 9.80 12.64 -13.67
N ILE A 147 9.89 12.97 -12.39
CA ILE A 147 9.45 12.10 -11.27
C ILE A 147 8.41 12.88 -10.48
N MET A 148 7.35 12.23 -10.06
CA MET A 148 6.37 12.81 -9.13
C MET A 148 6.04 11.80 -8.03
N ALA A 149 6.02 12.25 -6.80
CA ALA A 149 5.63 11.36 -5.69
C ALA A 149 4.83 12.15 -4.67
N SER A 150 3.97 11.43 -4.02
CA SER A 150 3.31 11.87 -2.78
C SER A 150 3.61 10.81 -1.72
N ILE A 151 4.07 11.28 -0.58
CA ILE A 151 4.39 10.47 0.63
C ILE A 151 3.44 10.85 1.75
N LEU A 152 2.44 10.04 2.02
CA LEU A 152 1.50 10.31 3.12
C LEU A 152 2.04 9.58 4.38
N VAL A 153 2.63 10.35 5.29
CA VAL A 153 3.25 9.86 6.54
C VAL A 153 2.16 9.75 7.60
N HIS A 154 2.01 8.56 8.22
CA HIS A 154 1.14 8.39 9.40
C HIS A 154 1.99 8.48 10.68
N PHE A 155 1.56 9.32 11.62
CA PHE A 155 2.25 9.57 12.91
C PHE A 155 1.64 8.72 14.03
N SER A 156 2.38 8.57 15.12
CA SER A 156 2.03 7.76 16.32
C SER A 156 0.72 8.22 16.93
N ASP A 157 0.38 9.47 16.77
CA ASP A 157 -0.80 10.03 17.46
C ASP A 157 -2.01 9.94 16.55
N GLY A 158 -1.93 9.28 15.40
CA GLY A 158 -3.15 9.17 14.57
C GLY A 158 -3.28 10.32 13.57
N THR A 159 -2.40 11.31 13.54
CA THR A 159 -2.43 12.31 12.45
C THR A 159 -1.58 11.83 11.28
N SER A 160 -1.67 12.56 10.17
CA SER A 160 -1.04 12.28 8.86
C SER A 160 -0.53 13.58 8.26
N GLU A 161 0.49 13.52 7.42
CA GLU A 161 0.85 14.69 6.60
C GLU A 161 1.42 14.18 5.29
N THR A 162 1.09 14.85 4.18
CA THR A 162 1.61 14.56 2.82
C THR A 162 2.84 15.39 2.56
N PHE A 163 3.93 14.76 2.13
CA PHE A 163 5.15 15.38 1.59
C PHE A 163 5.23 15.04 0.10
N VAL A 164 5.79 15.93 -0.72
CA VAL A 164 5.78 15.74 -2.20
C VAL A 164 7.15 15.99 -2.76
N THR A 165 7.36 15.51 -3.96
CA THR A 165 8.47 15.93 -4.83
C THR A 165 8.27 17.44 -5.11
N ASP A 166 9.35 18.21 -4.99
CA ASP A 166 9.37 19.66 -5.31
C ASP A 166 10.82 20.14 -5.37
N GLU A 167 10.97 21.46 -5.52
CA GLU A 167 12.30 22.13 -5.70
C GLU A 167 13.16 21.98 -4.43
N SER A 168 12.59 21.55 -3.30
CA SER A 168 13.41 21.34 -2.07
C SER A 168 14.16 19.99 -2.15
N TRP A 169 13.89 19.12 -3.11
CA TRP A 169 14.65 17.85 -3.25
C TRP A 169 16.01 18.18 -3.85
N LYS A 170 17.01 17.36 -3.59
CA LYS A 170 18.37 17.48 -4.19
C LYS A 170 18.53 16.48 -5.33
N THR A 171 19.35 16.85 -6.30
CA THR A 171 19.64 16.09 -7.51
C THR A 171 21.09 16.35 -7.91
N LEU A 172 21.52 15.70 -8.99
CA LEU A 172 22.84 15.92 -9.63
C LEU A 172 22.57 15.98 -11.11
N ARG A 173 23.40 16.68 -11.85
CA ARG A 173 23.28 16.70 -13.32
C ARG A 173 24.17 15.60 -13.87
N ALA A 174 24.10 14.39 -13.34
CA ALA A 174 25.01 13.30 -13.72
C ALA A 174 24.44 12.00 -13.16
N ALA A 175 24.96 10.88 -13.62
CA ALA A 175 24.45 9.55 -13.24
C ALA A 175 24.58 9.41 -11.73
N PRO A 176 23.66 8.70 -11.07
CA PRO A 176 23.70 8.66 -9.61
C PRO A 176 25.03 8.07 -9.10
N PRO A 177 25.74 8.66 -8.11
CA PRO A 177 26.88 7.98 -7.50
C PRO A 177 26.51 6.62 -6.90
N GLU A 178 27.50 5.73 -6.81
CA GLU A 178 27.46 4.51 -5.97
C GLU A 178 26.92 4.91 -4.60
N ASN A 179 25.85 4.26 -4.12
CA ASN A 179 25.27 4.50 -2.78
C ASN A 179 24.68 5.91 -2.62
N PHE A 180 24.20 6.56 -3.67
CA PHE A 180 23.48 7.88 -3.59
C PHE A 180 22.28 7.78 -2.64
N GLN A 181 21.68 6.61 -2.53
CA GLN A 181 20.43 6.37 -1.77
C GLN A 181 20.69 6.16 -0.28
N LEU A 182 21.94 5.95 0.17
CA LEU A 182 22.23 5.67 1.61
C LEU A 182 22.22 6.97 2.37
N PRO A 183 21.71 6.98 3.62
CA PRO A 183 21.76 8.15 4.48
C PRO A 183 23.18 8.66 4.74
N SER A 184 24.16 7.78 4.63
CA SER A 184 25.58 8.12 4.86
C SER A 184 26.13 8.95 3.67
N THR A 185 25.48 9.03 2.50
CA THR A 185 25.89 9.99 1.44
C THR A 185 25.53 11.42 1.86
N ASN A 186 26.46 12.37 1.68
CA ASN A 186 26.33 13.82 2.03
C ASN A 186 25.85 14.51 0.75
N ASP A 187 24.63 15.06 0.76
CA ASP A 187 24.01 15.72 -0.42
C ASP A 187 24.02 17.25 -0.22
N SER A 188 24.93 17.77 0.61
CA SER A 188 24.95 19.20 0.98
C SER A 188 25.32 20.09 -0.20
N ASN A 189 26.20 19.63 -1.06
CA ASN A 189 26.63 20.35 -2.27
C ASN A 189 25.88 19.93 -3.53
N TRP A 190 24.82 19.14 -3.43
CA TRP A 190 23.98 18.78 -4.60
C TRP A 190 23.16 20.00 -5.02
N PRO A 191 22.90 20.24 -6.33
CA PRO A 191 21.86 21.19 -6.69
C PRO A 191 20.44 20.75 -6.30
N SER A 192 19.59 21.76 -6.23
CA SER A 192 18.14 21.73 -6.11
C SER A 192 17.52 21.09 -7.35
N ALA A 193 16.51 20.24 -7.17
CA ALA A 193 15.70 19.68 -8.28
C ALA A 193 14.99 20.83 -9.03
N ALA A 194 14.75 20.71 -10.33
CA ALA A 194 14.01 21.70 -11.12
C ALA A 194 12.59 21.16 -11.34
N VAL A 195 11.59 21.97 -11.00
CA VAL A 195 10.18 21.62 -11.21
C VAL A 195 9.86 21.56 -12.70
N GLN A 196 9.25 20.47 -13.17
CA GLN A 196 8.92 20.30 -14.59
C GLN A 196 7.46 20.61 -14.81
N GLY A 197 6.67 20.67 -13.76
CA GLY A 197 5.21 20.82 -13.94
C GLY A 197 4.52 20.50 -12.64
N ALA A 198 3.22 20.80 -12.56
CA ALA A 198 2.38 20.53 -11.39
C ALA A 198 1.35 19.48 -11.78
N TYR A 199 0.56 18.99 -10.83
CA TYR A 199 -0.44 17.93 -11.08
C TYR A 199 -1.39 18.34 -12.23
N GLN A 200 -1.88 19.55 -12.17
CA GLN A 200 -2.95 20.01 -13.09
C GLN A 200 -2.32 20.86 -14.19
N ASN A 201 -1.01 21.07 -14.23
CA ASN A 201 -0.42 21.96 -15.26
C ASN A 201 0.92 21.38 -15.65
N SER A 202 0.96 20.41 -16.56
CA SER A 202 2.24 19.78 -16.99
C SER A 202 2.02 19.16 -18.37
N VAL A 203 3.11 18.77 -19.01
CA VAL A 203 3.01 18.03 -20.30
C VAL A 203 2.35 16.67 -20.05
N TRP A 204 2.36 16.19 -18.82
CA TRP A 204 1.89 14.81 -18.56
C TRP A 204 0.39 14.79 -18.29
N GLY A 205 -0.20 15.84 -17.75
CA GLY A 205 -1.57 15.75 -17.24
C GLY A 205 -1.61 14.92 -15.93
N PRO A 206 -2.78 14.91 -15.28
CA PRO A 206 -2.91 14.36 -13.92
C PRO A 206 -2.79 12.84 -13.89
N PRO A 207 -1.80 12.19 -13.27
CA PRO A 207 -1.76 10.72 -13.29
C PRO A 207 -2.95 10.15 -12.51
N VAL A 208 -3.49 9.01 -12.95
CA VAL A 208 -4.61 8.30 -12.28
C VAL A 208 -4.02 7.58 -11.07
N LEU A 209 -4.66 7.67 -9.93
CA LEU A 209 -4.19 6.91 -8.75
C LEU A 209 -4.44 5.42 -9.00
N PRO A 210 -3.51 4.53 -8.64
CA PRO A 210 -3.78 3.09 -8.73
C PRO A 210 -4.73 2.68 -7.61
N PRO A 211 -5.25 1.44 -7.66
CA PRO A 211 -5.98 0.91 -6.54
C PRO A 211 -5.05 0.77 -5.30
N VAL A 212 -5.58 0.98 -4.08
CA VAL A 212 -4.80 0.83 -2.81
C VAL A 212 -4.02 -0.48 -2.84
N LEU A 213 -4.68 -1.59 -3.18
CA LEU A 213 -4.10 -2.94 -3.32
C LEU A 213 -4.84 -3.65 -4.44
N PRO A 214 -4.17 -4.62 -5.10
CA PRO A 214 -4.83 -5.43 -6.12
C PRO A 214 -5.70 -6.52 -5.46
N LEU A 215 -6.79 -6.87 -6.12
CA LEU A 215 -7.56 -8.11 -5.82
C LEU A 215 -7.08 -9.23 -6.74
N ARG A 216 -6.57 -8.89 -7.91
CA ARG A 216 -5.96 -9.85 -8.83
C ARG A 216 -4.91 -10.53 -7.96
N GLY A 217 -4.85 -11.83 -7.89
CA GLY A 217 -3.89 -12.37 -6.89
C GLY A 217 -4.59 -12.97 -5.68
N SER A 218 -5.80 -12.51 -5.34
CA SER A 218 -6.59 -13.03 -4.20
C SER A 218 -7.66 -13.97 -4.70
N ASN A 219 -8.35 -14.64 -3.79
CA ASN A 219 -9.39 -15.65 -4.09
C ASN A 219 -10.60 -15.34 -3.26
N TRP A 220 -11.76 -15.50 -3.87
CA TRP A 220 -13.01 -15.60 -3.10
C TRP A 220 -12.94 -16.92 -2.34
N ILE A 221 -13.12 -16.89 -1.03
CA ILE A 221 -13.14 -18.13 -0.22
C ILE A 221 -14.46 -18.24 0.51
N TRP A 222 -14.78 -19.47 0.88
CA TRP A 222 -15.89 -19.74 1.82
C TRP A 222 -15.59 -21.07 2.55
N THR A 223 -16.55 -21.47 3.37
CA THR A 223 -16.64 -22.85 3.90
C THR A 223 -17.04 -23.80 2.78
N SER A 224 -16.73 -25.07 2.96
CA SER A 224 -16.84 -26.09 1.89
C SER A 224 -18.30 -26.54 1.73
N ASP A 225 -19.27 -25.96 2.45
CA ASP A 225 -20.72 -26.05 2.13
C ASP A 225 -21.09 -25.17 0.92
N ASN A 226 -20.17 -24.37 0.37
CA ASN A 226 -20.38 -23.55 -0.86
C ASN A 226 -20.12 -24.48 -2.05
N VAL A 227 -21.22 -24.95 -2.68
CA VAL A 227 -21.21 -25.98 -3.77
C VAL A 227 -22.24 -25.57 -4.82
N ASN A 228 -21.92 -25.82 -6.10
CA ASN A 228 -22.79 -25.61 -7.30
C ASN A 228 -23.28 -24.16 -7.40
N GLY A 229 -22.43 -23.20 -6.98
CA GLY A 229 -22.65 -21.75 -7.20
C GLY A 229 -23.52 -21.10 -6.14
N ALA A 230 -23.76 -21.76 -5.03
CA ALA A 230 -24.58 -21.18 -3.94
C ALA A 230 -24.10 -21.76 -2.62
N ALA A 231 -24.39 -21.06 -1.55
CA ALA A 231 -24.07 -21.58 -0.20
C ALA A 231 -25.27 -21.32 0.65
N PRO A 232 -25.39 -22.01 1.81
CA PRO A 232 -26.52 -21.78 2.70
C PRO A 232 -26.53 -20.35 3.22
N VAL A 233 -27.74 -19.91 3.60
CA VAL A 233 -27.93 -18.64 4.35
C VAL A 233 -27.23 -18.84 5.70
N GLY A 234 -26.50 -17.86 6.19
CA GLY A 234 -25.79 -18.01 7.48
C GLY A 234 -24.44 -17.32 7.52
N SER A 235 -23.85 -17.32 8.71
CA SER A 235 -22.56 -16.68 9.04
C SER A 235 -21.47 -17.73 9.12
N ARG A 236 -20.29 -17.38 8.66
CA ARG A 236 -19.13 -18.28 8.59
C ARG A 236 -17.94 -17.44 9.02
N ALA A 237 -16.95 -18.06 9.65
CA ALA A 237 -15.82 -17.28 10.17
C ALA A 237 -14.58 -17.81 9.47
N PHE A 238 -13.60 -16.93 9.37
CA PHE A 238 -12.31 -17.14 8.68
C PHE A 238 -11.20 -16.52 9.53
N ARG A 239 -10.05 -17.17 9.52
CA ARG A 239 -8.89 -16.76 10.31
C ARG A 239 -7.62 -16.96 9.51
N LYS A 240 -6.75 -15.97 9.68
CA LYS A 240 -5.36 -16.01 9.17
C LYS A 240 -4.45 -15.34 10.21
N THR A 241 -3.41 -16.05 10.60
CA THR A 241 -2.32 -15.55 11.47
C THR A 241 -1.08 -15.26 10.64
N VAL A 242 -0.44 -14.13 10.92
CA VAL A 242 0.93 -13.87 10.39
C VAL A 242 1.85 -13.75 11.60
N ASN A 243 2.99 -14.40 11.56
CA ASN A 243 3.89 -14.47 12.75
C ASN A 243 5.29 -14.65 12.25
N GLN A 244 5.98 -13.58 11.87
CA GLN A 244 7.40 -13.64 11.46
C GLN A 244 8.18 -13.30 12.73
N CYS A 245 8.55 -14.29 13.56
CA CYS A 245 9.03 -13.98 14.94
C CYS A 245 10.44 -13.37 14.89
N THR A 246 11.15 -13.37 13.76
CA THR A 246 12.45 -12.65 13.71
C THR A 246 12.32 -11.26 13.05
N LYS A 247 11.11 -10.70 12.91
CA LYS A 247 10.96 -9.38 12.26
C LYS A 247 10.09 -8.52 13.14
N VAL A 248 9.97 -7.24 12.80
CA VAL A 248 9.10 -6.31 13.57
C VAL A 248 8.07 -5.75 12.57
N ALA A 249 6.81 -6.19 12.71
CA ALA A 249 5.67 -5.74 11.90
C ALA A 249 5.28 -4.35 12.38
N VAL A 250 4.83 -3.46 11.50
CA VAL A 250 4.52 -2.05 11.88
C VAL A 250 3.06 -1.72 11.54
N CYS A 251 2.69 -1.68 10.24
CA CYS A 251 1.33 -1.27 9.78
C CYS A 251 0.83 -2.35 8.81
N ALA A 252 -0.47 -2.49 8.73
CA ALA A 252 -1.15 -3.27 7.69
C ALA A 252 -2.15 -2.37 6.95
N THR A 253 -2.30 -2.63 5.66
CA THR A 253 -3.42 -2.11 4.86
C THR A 253 -4.24 -3.31 4.45
N VAL A 254 -5.54 -3.21 4.60
CA VAL A 254 -6.44 -4.35 4.31
C VAL A 254 -7.46 -3.87 3.28
N LEU A 255 -7.63 -4.66 2.23
CA LEU A 255 -8.68 -4.45 1.22
C LEU A 255 -9.60 -5.66 1.30
N ILE A 256 -10.90 -5.45 1.46
CA ILE A 256 -11.84 -6.56 1.68
C ILE A 256 -13.21 -6.28 1.09
N ALA A 257 -13.87 -7.34 0.67
CA ALA A 257 -15.27 -7.31 0.21
C ALA A 257 -15.88 -8.67 0.53
N ALA A 258 -17.19 -8.72 0.68
CA ALA A 258 -17.88 -10.01 0.88
C ALA A 258 -19.26 -10.02 0.22
N ASP A 259 -19.64 -11.19 -0.28
CA ASP A 259 -21.01 -11.53 -0.66
C ASP A 259 -21.70 -12.32 0.47
N ASP A 260 -22.22 -11.58 1.43
CA ASP A 260 -23.19 -10.47 1.32
C ASP A 260 -22.63 -9.36 2.19
N ARG A 261 -21.90 -9.71 3.27
CA ARG A 261 -21.49 -8.72 4.29
C ARG A 261 -20.39 -9.33 5.18
N TYR A 262 -19.62 -8.51 5.90
CA TYR A 262 -18.51 -9.03 6.74
C TYR A 262 -18.37 -8.08 7.92
N THR A 263 -17.71 -8.59 8.96
CA THR A 263 -17.06 -7.79 10.00
C THR A 263 -15.64 -8.31 10.18
N LEU A 264 -14.70 -7.38 10.29
CA LEU A 264 -13.27 -7.69 10.24
C LEU A 264 -12.70 -7.34 11.62
N TYR A 265 -11.81 -8.20 12.11
CA TYR A 265 -11.16 -8.12 13.45
C TYR A 265 -9.66 -8.32 13.27
N VAL A 266 -8.86 -7.58 14.01
CA VAL A 266 -7.38 -7.80 14.05
C VAL A 266 -6.99 -7.92 15.53
N ASN A 267 -6.33 -9.00 15.90
CA ASN A 267 -5.99 -9.34 17.33
C ASN A 267 -7.22 -9.15 18.20
N GLY A 268 -8.41 -9.51 17.75
CA GLY A 268 -9.64 -9.44 18.55
C GLY A 268 -10.31 -8.10 18.52
N ALA A 269 -9.70 -7.03 18.01
CA ALA A 269 -10.40 -5.71 18.00
C ALA A 269 -11.12 -5.50 16.64
N THR A 270 -12.29 -4.89 16.67
CA THR A 270 -13.11 -4.55 15.49
C THR A 270 -12.34 -3.56 14.64
N VAL A 271 -12.16 -3.85 13.36
CA VAL A 271 -11.59 -2.90 12.37
C VAL A 271 -12.74 -2.26 11.59
N GLY A 272 -13.69 -3.03 11.08
CA GLY A 272 -14.85 -2.44 10.41
C GLY A 272 -15.72 -3.51 9.82
N SER A 273 -16.73 -3.10 9.09
CA SER A 273 -17.66 -4.04 8.43
C SER A 273 -18.20 -3.41 7.15
N GLY A 274 -18.74 -4.23 6.29
CA GLY A 274 -19.20 -3.80 4.97
C GLY A 274 -20.32 -4.72 4.59
N SER A 275 -21.07 -4.33 3.57
CA SER A 275 -22.18 -5.14 3.05
C SER A 275 -22.26 -5.01 1.54
N SER A 276 -21.14 -4.93 0.83
CA SER A 276 -21.16 -4.78 -0.64
C SER A 276 -20.15 -5.74 -1.27
N TYR A 277 -20.59 -6.46 -2.28
CA TYR A 277 -19.71 -7.31 -3.09
C TYR A 277 -19.35 -6.57 -4.38
N THR A 278 -19.70 -5.29 -4.53
CA THR A 278 -19.33 -4.50 -5.74
C THR A 278 -18.43 -3.33 -5.36
N VAL A 279 -18.42 -2.90 -4.09
CA VAL A 279 -17.55 -1.80 -3.60
C VAL A 279 -16.75 -2.32 -2.41
N ALA A 280 -15.44 -2.41 -2.56
CA ALA A 280 -14.53 -2.98 -1.56
C ALA A 280 -14.17 -1.91 -0.52
N ASP A 281 -13.85 -2.31 0.70
CA ASP A 281 -13.47 -1.38 1.81
C ASP A 281 -11.96 -1.53 2.06
N ALA A 282 -11.30 -0.46 2.42
CA ALA A 282 -9.86 -0.44 2.70
C ALA A 282 -9.68 0.10 4.11
N TYR A 283 -8.77 -0.50 4.85
CA TYR A 283 -8.49 -0.10 6.24
C TYR A 283 -6.98 -0.01 6.47
N THR A 284 -6.60 0.86 7.38
CA THR A 284 -5.21 1.00 7.88
C THR A 284 -5.23 0.50 9.32
N ILE A 285 -4.26 -0.36 9.64
CA ILE A 285 -4.01 -0.84 11.04
C ILE A 285 -2.63 -0.32 11.41
N PRO A 286 -2.56 0.83 12.07
CA PRO A 286 -1.28 1.50 12.31
C PRO A 286 -0.57 0.99 13.58
N ASN A 287 -1.24 0.10 14.33
CA ASN A 287 -0.75 -0.35 15.66
C ASN A 287 -0.61 -1.88 15.69
N LEU A 288 -0.01 -2.51 14.69
CA LEU A 288 0.13 -4.00 14.71
C LEU A 288 0.93 -4.43 15.96
N HIS A 289 0.68 -5.61 16.49
CA HIS A 289 1.66 -6.29 17.38
C HIS A 289 2.94 -6.49 16.58
N PRO A 290 4.14 -6.38 17.19
CA PRO A 290 5.36 -6.54 16.42
C PRO A 290 5.65 -7.92 15.81
N THR A 291 5.12 -9.01 16.36
CA THR A 291 5.51 -10.34 15.79
C THR A 291 4.29 -11.19 15.44
N PHE A 292 3.13 -10.97 16.05
CA PHE A 292 2.02 -11.92 15.92
C PHE A 292 0.75 -11.13 15.70
N ASN A 293 0.09 -11.40 14.55
CA ASN A 293 -1.18 -10.70 14.25
C ASN A 293 -2.20 -11.65 13.62
N THR A 294 -3.43 -11.62 14.12
CA THR A 294 -4.52 -12.51 13.69
C THR A 294 -5.64 -11.69 13.04
N PHE A 295 -5.96 -12.01 11.78
CA PHE A 295 -7.09 -11.39 11.06
C PHE A 295 -8.23 -12.41 11.13
N ALA A 296 -9.38 -11.93 11.55
CA ALA A 296 -10.59 -12.76 11.64
C ALA A 296 -11.78 -12.03 11.00
N ILE A 297 -12.62 -12.80 10.31
CA ILE A 297 -13.76 -12.28 9.54
C ILE A 297 -14.97 -13.12 9.92
N ASN A 298 -16.02 -12.43 10.29
CA ASN A 298 -17.38 -12.99 10.29
C ASN A 298 -18.06 -12.52 9.00
N ALA A 299 -18.27 -13.41 8.04
CA ALA A 299 -18.93 -13.10 6.74
C ALA A 299 -20.28 -13.80 6.71
N THR A 300 -21.31 -13.11 6.20
CA THR A 300 -22.70 -13.62 6.22
C THR A 300 -23.23 -13.71 4.79
N ASN A 301 -23.79 -14.86 4.42
CA ASN A 301 -24.57 -15.08 3.18
C ASN A 301 -26.08 -14.88 3.47
N GLY A 302 -26.67 -13.90 2.80
CA GLY A 302 -28.11 -13.61 2.80
C GLY A 302 -28.89 -14.52 1.85
N GLY A 303 -28.19 -15.29 1.02
CA GLY A 303 -28.82 -16.10 -0.04
C GLY A 303 -27.96 -16.16 -1.29
N GLY A 304 -28.06 -17.28 -2.00
CA GLY A 304 -27.38 -17.56 -3.26
C GLY A 304 -25.88 -17.68 -3.06
N PRO A 305 -25.11 -17.22 -4.07
CA PRO A 305 -23.65 -17.30 -4.03
C PRO A 305 -23.14 -16.58 -2.77
N ALA A 306 -21.94 -16.95 -2.36
CA ALA A 306 -21.27 -16.35 -1.19
C ALA A 306 -19.76 -16.41 -1.39
N GLY A 307 -19.08 -15.46 -0.77
CA GLY A 307 -17.60 -15.45 -0.79
C GLY A 307 -17.06 -14.26 -0.03
N VAL A 308 -15.84 -14.41 0.45
CA VAL A 308 -15.12 -13.25 1.02
C VAL A 308 -13.75 -13.21 0.34
N ILE A 309 -13.28 -12.01 0.07
CA ILE A 309 -11.99 -11.81 -0.64
C ILE A 309 -11.25 -10.68 0.04
N ALA A 310 -9.94 -10.86 0.20
CA ALA A 310 -9.13 -9.80 0.84
C ALA A 310 -7.69 -9.87 0.39
N THR A 311 -7.04 -8.71 0.45
CA THR A 311 -5.57 -8.55 0.28
C THR A 311 -5.08 -7.77 1.46
N ILE A 312 -3.96 -8.20 2.03
CA ILE A 312 -3.37 -7.55 3.24
C ILE A 312 -1.91 -7.30 2.95
N LEU A 313 -1.46 -6.08 3.13
CA LEU A 313 -0.01 -5.81 3.01
C LEU A 313 0.47 -5.41 4.41
N ILE A 314 1.53 -6.08 4.88
CA ILE A 314 2.13 -5.78 6.20
C ILE A 314 3.52 -5.21 5.96
N THR A 315 3.84 -4.08 6.60
CA THR A 315 5.16 -3.45 6.45
C THR A 315 6.01 -3.85 7.67
N TYR A 316 7.28 -4.08 7.43
CA TYR A 316 8.26 -4.43 8.49
C TYR A 316 9.30 -3.30 8.67
N SER A 317 9.92 -3.20 9.86
CA SER A 317 10.82 -2.08 10.23
C SER A 317 12.07 -2.13 9.37
N ASP A 318 12.43 -3.25 8.77
CA ASP A 318 13.62 -3.33 7.88
C ASP A 318 13.30 -2.82 6.45
N GLY A 319 12.09 -2.32 6.19
CA GLY A 319 11.78 -1.80 4.86
C GLY A 319 11.11 -2.83 3.97
N SER A 320 11.09 -4.09 4.39
CA SER A 320 10.43 -5.19 3.65
C SER A 320 8.92 -5.16 3.95
N ASN A 321 8.20 -5.98 3.23
CA ASN A 321 6.74 -6.10 3.41
C ASN A 321 6.36 -7.54 3.10
N GLU A 322 5.12 -7.90 3.39
CA GLU A 322 4.56 -9.13 2.82
C GLU A 322 3.09 -8.93 2.50
N THR A 323 2.64 -9.63 1.47
CA THR A 323 1.22 -9.66 1.03
C THR A 323 0.61 -10.98 1.48
N VAL A 324 -0.55 -10.92 2.09
CA VAL A 324 -1.39 -12.09 2.39
C VAL A 324 -2.67 -11.93 1.58
N VAL A 325 -3.16 -13.00 0.97
CA VAL A 325 -4.46 -12.98 0.27
C VAL A 325 -5.35 -14.08 0.84
N THR A 326 -6.67 -13.92 0.70
CA THR A 326 -7.64 -15.00 0.90
C THR A 326 -7.24 -16.15 -0.02
N ASP A 327 -7.08 -17.31 0.59
CA ASP A 327 -6.68 -18.56 -0.09
C ASP A 327 -6.93 -19.75 0.87
N ALA A 328 -6.46 -20.93 0.49
CA ALA A 328 -6.77 -22.18 1.23
C ALA A 328 -5.91 -22.30 2.51
N SER A 329 -4.97 -21.38 2.79
CA SER A 329 -4.17 -21.35 4.05
C SER A 329 -4.97 -20.67 5.12
N TRP A 330 -6.12 -20.07 4.77
CA TRP A 330 -7.00 -19.53 5.80
C TRP A 330 -7.75 -20.70 6.43
N LYS A 331 -8.22 -20.54 7.65
CA LYS A 331 -9.06 -21.53 8.35
C LYS A 331 -10.47 -20.97 8.35
N ALA A 332 -11.45 -21.84 8.32
CA ALA A 332 -12.87 -21.45 8.19
C ALA A 332 -13.71 -22.37 9.08
N ILE A 333 -14.86 -21.92 9.52
CA ILE A 333 -15.75 -22.83 10.29
C ILE A 333 -17.19 -22.48 9.97
N GLN A 334 -18.10 -23.47 10.03
CA GLN A 334 -19.51 -23.24 9.57
C GLN A 334 -20.37 -22.76 10.74
N THR A 335 -20.08 -23.20 11.96
CA THR A 335 -20.78 -22.67 13.17
C THR A 335 -19.76 -21.82 13.93
N ILE A 336 -20.03 -20.54 14.06
CA ILE A 336 -19.02 -19.62 14.61
C ILE A 336 -18.99 -19.81 16.14
N PRO A 337 -17.86 -20.22 16.73
CA PRO A 337 -17.77 -20.29 18.19
C PRO A 337 -17.62 -18.92 18.87
N GLN A 338 -18.00 -18.80 20.15
CA GLN A 338 -17.64 -17.68 21.07
C GLN A 338 -16.13 -17.47 21.01
N GLY A 339 -15.69 -16.22 20.90
CA GLY A 339 -14.25 -15.91 20.79
C GLY A 339 -13.61 -16.33 19.49
N PHE A 340 -14.34 -16.48 18.35
CA PHE A 340 -13.76 -16.84 17.01
C PHE A 340 -12.67 -15.83 16.59
N GLN A 341 -12.79 -14.59 17.09
CA GLN A 341 -11.87 -13.45 16.81
C GLN A 341 -10.62 -13.36 17.70
N PRO A 342 -10.53 -13.80 19.01
CA PRO A 342 -9.28 -13.81 19.76
C PRO A 342 -8.09 -14.43 19.07
N PRO A 343 -6.92 -13.80 19.28
CA PRO A 343 -5.70 -14.24 18.62
C PRO A 343 -5.27 -15.70 18.87
N LEU A 344 -5.46 -16.27 20.07
CA LEU A 344 -4.77 -17.54 20.36
C LEU A 344 -5.76 -18.68 20.63
N ILE A 345 -6.97 -18.67 20.10
CA ILE A 345 -7.92 -19.79 20.32
C ILE A 345 -7.39 -21.07 19.71
N ASP A 346 -8.02 -22.16 20.13
CA ASP A 346 -7.82 -23.53 19.57
C ASP A 346 -8.59 -23.55 18.25
N GLU A 347 -7.88 -23.89 17.18
CA GLU A 347 -8.44 -23.93 15.80
C GLU A 347 -8.85 -25.36 15.45
N PHE A 348 -8.81 -26.27 16.42
CA PHE A 348 -9.30 -27.66 16.22
C PHE A 348 -10.73 -27.58 15.69
N GLY A 349 -11.00 -28.36 14.64
CA GLY A 349 -12.33 -28.38 14.00
C GLY A 349 -12.63 -27.12 13.17
N TRP A 350 -11.61 -26.33 12.84
CA TRP A 350 -11.67 -25.36 11.71
C TRP A 350 -11.13 -26.11 10.49
N GLU A 351 -11.72 -25.93 9.33
CA GLU A 351 -11.26 -26.56 8.06
C GLU A 351 -10.38 -25.54 7.31
N SER A 352 -9.52 -25.98 6.43
CA SER A 352 -8.99 -25.17 5.30
C SER A 352 -10.15 -24.46 4.60
N ALA A 353 -10.03 -23.15 4.35
CA ALA A 353 -11.06 -22.44 3.56
C ALA A 353 -11.08 -23.05 2.15
N LYS A 354 -12.26 -23.05 1.55
CA LYS A 354 -12.41 -23.47 0.14
C LYS A 354 -12.24 -22.26 -0.80
N ILE A 355 -11.42 -22.39 -1.83
CA ILE A 355 -11.31 -21.39 -2.93
C ILE A 355 -12.55 -21.54 -3.81
N ILE A 356 -13.44 -20.56 -3.80
CA ILE A 356 -14.59 -20.51 -4.75
C ILE A 356 -14.03 -20.18 -6.13
N GLY A 357 -13.11 -19.21 -6.25
CA GLY A 357 -12.39 -18.94 -7.50
C GLY A 357 -11.43 -17.76 -7.33
N ALA A 358 -10.47 -17.61 -8.23
CA ALA A 358 -9.60 -16.42 -8.26
C ALA A 358 -10.48 -15.19 -8.50
N PHE A 359 -10.03 -14.02 -8.04
CA PHE A 359 -10.69 -12.73 -8.35
C PHE A 359 -10.94 -12.71 -9.87
N GLY A 360 -12.14 -12.32 -10.27
CA GLY A 360 -12.52 -12.29 -11.70
C GLY A 360 -13.65 -13.25 -12.00
N VAL A 361 -13.72 -14.40 -11.31
CA VAL A 361 -14.74 -15.41 -11.65
C VAL A 361 -16.13 -14.78 -11.54
N ALA A 362 -17.04 -15.27 -12.40
CA ALA A 362 -18.51 -15.17 -12.20
C ALA A 362 -18.86 -15.72 -10.81
N PRO A 363 -19.89 -15.25 -10.15
CA PRO A 363 -20.76 -14.21 -10.70
C PRO A 363 -20.27 -12.77 -10.47
N TRP A 364 -19.25 -12.58 -9.64
CA TRP A 364 -18.92 -11.20 -9.21
C TRP A 364 -18.12 -10.50 -10.32
N GLY A 365 -17.30 -11.17 -11.10
CA GLY A 365 -16.57 -10.46 -12.17
C GLY A 365 -15.36 -9.70 -11.67
N ALA A 366 -14.81 -8.84 -12.53
CA ALA A 366 -13.54 -8.10 -12.32
C ALA A 366 -13.81 -6.64 -12.01
N GLY A 367 -15.05 -6.19 -11.89
CA GLY A 367 -15.41 -4.75 -11.81
C GLY A 367 -15.37 -4.15 -10.41
N MET A 368 -15.00 -4.90 -9.37
CA MET A 368 -14.98 -4.34 -7.98
C MET A 368 -14.51 -2.87 -8.00
N VAL A 369 -15.22 -1.94 -7.39
CA VAL A 369 -14.71 -0.57 -7.12
C VAL A 369 -13.72 -0.66 -5.93
N ILE A 370 -12.46 -0.33 -6.17
CA ILE A 370 -11.39 -0.38 -5.16
C ILE A 370 -10.99 1.05 -4.80
N PRO A 371 -10.84 1.44 -3.50
CA PRO A 371 -10.35 2.78 -3.17
C PRO A 371 -8.97 3.03 -3.78
N SER A 372 -8.72 4.28 -4.14
CA SER A 372 -7.44 4.81 -4.67
C SER A 372 -6.36 4.76 -3.57
N ALA A 373 -5.10 4.46 -3.91
CA ALA A 373 -3.92 4.51 -3.00
C ALA A 373 -3.60 5.92 -2.34
#